data_4WL8
#
_entry.id   4WL8
#
_cell.length_a   105.616
_cell.length_b   123.009
_cell.length_c   64.035
_cell.angle_alpha   90.000
_cell.angle_beta   116.970
_cell.angle_gamma   90.000
#
_symmetry.space_group_name_H-M   'C 1 2 1'
#
loop_
_entity.id
_entity.type
_entity.pdbx_description
1 polymer 'Phosphoenolpyruvate carboxykinase [GTP]'
2 non-polymer 'PHOSPHOAMINOPHOSPHONIC ACID-GUANYLATE ESTER'
3 non-polymer GLYCEROL
4 non-polymer 'MANGANESE (II) ION'
5 water water
#
_entity_poly.entity_id   1
_entity_poly.type   'polypeptide(L)'
_entity_poly.pdbx_seq_one_letter_code
;HHHHHHSSGLVPAGSHMTSATIPGLDTAPTNHQGLLSWVEEVAELTQPDRVVFTDGSEEEFQRLCDQLVEAGTFIRLNPE
KHKNSYLALSDPSDVARVESRTYICSAKEIDAGPTNNWMDPGEMRSIMKDLYRGCMRGRTMYVVPFCMGPLGAEDPKLGV
EITDSEYVVVSMRTMTRMGKAALEKMGDDGFFVKALHSVGAPLEPGQKDVAWPCSETKYITHFPETREIWSYGSGYGGNA
LLGKKCYSLRIASAMAHDEGWLAEHMLILKLISPENKAYYFAAAFPSACGKTNLAMLQPTIPGWRAETLGDDIAWMRFGK
DGRLYAVNPEFGFFGVAPGTNWKSNPNAMRTIAAGNTVFTNVALTDDGDVWWEGLEGDPQHLIDWKGNDWYFRETETNAA
HPNSRYCTPMSQCPILAPEWDDPQGVPISGILFGGRRKTTVPLVTEARDWQHGVFIGATLGSEQTAAAEGKVGNVRRDPM
AMLPFLGYNVGDYFQHWINLGKHADESKLPKVFFVNWFRRGDDGRFLWPGFGENSRVLKWIVDRIEHKAGGATTPIGTVP
AVEDLDLDGLDVDAADVAAALAVDADEWRQELPLIEEWLQFVGEKLPTGVKDEFDALKERLG
;
_entity_poly.pdbx_strand_id   A
#
loop_
_chem_comp.id
_chem_comp.type
_chem_comp.name
_chem_comp.formula
GNP non-polymer 'PHOSPHOAMINOPHOSPHONIC ACID-GUANYLATE ESTER' 'C10 H17 N6 O13 P3'
GOL non-polymer GLYCEROL 'C3 H8 O3'
MN non-polymer 'MANGANESE (II) ION' 'Mn 2'
#
# COMPACT_ATOMS: atom_id res chain seq x y z
N SER A 15 9.63 -34.76 -22.97
CA SER A 15 10.63 -33.70 -22.82
C SER A 15 10.60 -32.99 -21.46
N HIS A 16 9.86 -33.55 -20.51
CA HIS A 16 9.92 -33.10 -19.12
C HIS A 16 11.34 -33.23 -18.58
N MET A 17 11.81 -32.20 -17.89
CA MET A 17 13.19 -32.16 -17.40
C MET A 17 13.27 -32.28 -15.88
N THR A 18 14.16 -33.13 -15.38
CA THR A 18 14.42 -33.17 -13.94
C THR A 18 15.11 -31.87 -13.58
N SER A 19 14.86 -31.36 -12.37
CA SER A 19 15.31 -30.03 -12.00
C SER A 19 16.82 -29.83 -12.23
N ALA A 20 17.60 -30.84 -11.88
CA ALA A 20 19.06 -30.76 -11.97
C ALA A 20 19.57 -30.64 -13.41
N THR A 21 18.70 -30.85 -14.38
CA THR A 21 19.08 -30.68 -15.79
C THR A 21 18.51 -29.41 -16.41
N ILE A 22 17.67 -28.69 -15.67
CA ILE A 22 17.14 -27.41 -16.16
C ILE A 22 18.25 -26.36 -16.13
N PRO A 23 18.50 -25.69 -17.26
CA PRO A 23 19.59 -24.71 -17.32
C PRO A 23 19.43 -23.64 -16.24
N GLY A 24 20.52 -23.33 -15.55
CA GLY A 24 20.52 -22.32 -14.50
C GLY A 24 20.55 -22.91 -13.11
N LEU A 25 20.10 -24.17 -13.00
CA LEU A 25 20.08 -24.81 -11.69
C LEU A 25 21.44 -25.42 -11.31
N ASP A 26 22.29 -25.65 -12.31
CA ASP A 26 23.65 -26.15 -12.05
C ASP A 26 24.58 -25.05 -11.53
N THR A 27 24.19 -23.79 -11.72
CA THR A 27 24.98 -22.66 -11.25
C THR A 27 24.23 -21.87 -10.17
N ALA A 28 23.20 -22.51 -9.61
CA ALA A 28 22.39 -21.88 -8.57
C ALA A 28 23.22 -21.72 -7.30
N PRO A 29 22.93 -20.66 -6.52
CA PRO A 29 23.58 -20.52 -5.21
C PRO A 29 23.20 -21.66 -4.28
N THR A 30 24.18 -22.18 -3.54
CA THR A 30 23.98 -23.38 -2.73
C THR A 30 24.04 -23.12 -1.23
N ASN A 31 24.40 -21.89 -0.85
CA ASN A 31 24.56 -21.58 0.56
C ASN A 31 23.30 -21.85 1.38
N HIS A 32 22.14 -21.62 0.79
CA HIS A 32 20.86 -21.84 1.48
C HIS A 32 20.15 -23.03 0.84
N GLN A 33 20.24 -24.19 1.49
CA GLN A 33 19.72 -25.42 0.89
C GLN A 33 18.19 -25.45 0.85
N GLY A 34 17.55 -24.83 1.84
CA GLY A 34 16.10 -24.72 1.86
C GLY A 34 15.58 -23.96 0.65
N LEU A 35 16.21 -22.83 0.34
CA LEU A 35 15.86 -22.07 -0.86
C LEU A 35 16.09 -22.91 -2.12
N LEU A 36 17.27 -23.52 -2.23
CA LEU A 36 17.61 -24.33 -3.40
C LEU A 36 16.62 -25.47 -3.60
N SER A 37 16.30 -26.19 -2.54
CA SER A 37 15.35 -27.30 -2.66
C SER A 37 13.97 -26.82 -3.09
N TRP A 38 13.52 -25.70 -2.56
CA TRP A 38 12.22 -25.15 -2.95
C TRP A 38 12.25 -24.76 -4.42
N VAL A 39 13.31 -24.07 -4.84
CA VAL A 39 13.44 -23.69 -6.25
C VAL A 39 13.43 -24.92 -7.17
N GLU A 40 14.16 -25.96 -6.78
CA GLU A 40 14.18 -27.19 -7.58
C GLU A 40 12.81 -27.83 -7.69
N GLU A 41 12.09 -27.87 -6.57
CA GLU A 41 10.75 -28.45 -6.58
C GLU A 41 9.80 -27.66 -7.46
N VAL A 42 9.84 -26.34 -7.36
CA VAL A 42 8.97 -25.50 -8.18
C VAL A 42 9.29 -25.65 -9.66
N ALA A 43 10.57 -25.64 -10.01
CA ALA A 43 10.98 -25.78 -11.42
C ALA A 43 10.60 -27.14 -11.98
N GLU A 44 10.74 -28.18 -11.16
CA GLU A 44 10.33 -29.52 -11.59
C GLU A 44 8.85 -29.49 -11.97
N LEU A 45 8.06 -28.72 -11.22
CA LEU A 45 6.62 -28.62 -11.45
C LEU A 45 6.25 -27.74 -12.64
N THR A 46 6.83 -26.55 -12.72
CA THR A 46 6.37 -25.57 -13.72
C THR A 46 7.08 -25.71 -15.07
N GLN A 47 8.22 -26.40 -15.06
CA GLN A 47 8.98 -26.70 -16.28
C GLN A 47 9.40 -25.49 -17.14
N PRO A 48 10.09 -24.54 -16.51
CA PRO A 48 10.58 -23.39 -17.29
C PRO A 48 11.71 -23.83 -18.22
N ASP A 49 12.02 -23.00 -19.20
CA ASP A 49 13.16 -23.27 -20.08
C ASP A 49 14.49 -23.11 -19.35
N ARG A 50 14.53 -22.24 -18.35
CA ARG A 50 15.74 -22.03 -17.55
C ARG A 50 15.38 -21.28 -16.28
N VAL A 51 16.31 -21.29 -15.33
CA VAL A 51 16.14 -20.61 -14.05
C VAL A 51 17.21 -19.55 -13.86
N VAL A 52 16.80 -18.34 -13.49
CA VAL A 52 17.74 -17.24 -13.26
C VAL A 52 17.55 -16.70 -11.85
N PHE A 53 18.61 -16.65 -11.07
CA PHE A 53 18.60 -15.98 -9.78
C PHE A 53 18.97 -14.53 -9.98
N THR A 54 18.12 -13.61 -9.52
CA THR A 54 18.36 -12.19 -9.77
C THR A 54 19.21 -11.53 -8.70
N ASP A 55 20.04 -10.57 -9.10
CA ASP A 55 20.95 -9.94 -8.15
C ASP A 55 20.67 -8.48 -7.85
N GLY A 56 19.74 -7.88 -8.57
CA GLY A 56 19.30 -6.52 -8.30
C GLY A 56 20.22 -5.46 -8.87
N SER A 57 21.25 -5.90 -9.58
CA SER A 57 22.26 -4.97 -10.11
C SER A 57 21.71 -4.10 -11.23
N GLU A 58 22.39 -2.99 -11.48
CA GLU A 58 21.98 -2.09 -12.54
CA GLU A 58 22.01 -2.08 -12.54
C GLU A 58 22.17 -2.74 -13.92
N GLU A 59 23.22 -3.52 -14.09
CA GLU A 59 23.42 -4.19 -15.36
C GLU A 59 22.28 -5.18 -15.63
N GLU A 60 21.84 -5.87 -14.58
CA GLU A 60 20.72 -6.80 -14.69
C GLU A 60 19.44 -6.07 -15.07
N PHE A 61 19.20 -4.93 -14.43
CA PHE A 61 17.99 -4.14 -14.68
C PHE A 61 17.91 -3.72 -16.15
N GLN A 62 19.02 -3.22 -16.69
CA GLN A 62 19.02 -2.81 -18.10
CA GLN A 62 19.02 -2.81 -18.10
C GLN A 62 18.88 -3.99 -19.05
N ARG A 63 19.47 -5.13 -18.70
CA ARG A 63 19.33 -6.32 -19.52
C ARG A 63 17.88 -6.76 -19.57
N LEU A 64 17.22 -6.79 -18.42
CA LEU A 64 15.80 -7.16 -18.38
C LEU A 64 14.95 -6.13 -19.10
N CYS A 65 15.25 -4.85 -18.93
CA CYS A 65 14.53 -3.81 -19.66
C CYS A 65 14.69 -3.95 -21.17
N ASP A 66 15.90 -4.27 -21.64
CA ASP A 66 16.12 -4.46 -23.08
C ASP A 66 15.23 -5.57 -23.58
N GLN A 67 15.15 -6.65 -22.82
CA GLN A 67 14.31 -7.78 -23.21
C GLN A 67 12.84 -7.42 -23.21
N LEU A 68 12.44 -6.58 -22.26
CA LEU A 68 11.06 -6.11 -22.21
C LEU A 68 10.73 -5.20 -23.40
N VAL A 69 11.67 -4.36 -23.80
CA VAL A 69 11.48 -3.56 -25.02
C VAL A 69 11.38 -4.46 -26.26
N GLU A 70 12.26 -5.46 -26.36
CA GLU A 70 12.19 -6.40 -27.48
C GLU A 70 10.87 -7.16 -27.54
N ALA A 71 10.33 -7.52 -26.38
CA ALA A 71 9.08 -8.28 -26.34
C ALA A 71 7.86 -7.41 -26.61
N GLY A 72 8.05 -6.09 -26.58
CA GLY A 72 6.96 -5.16 -26.78
C GLY A 72 6.26 -4.80 -25.49
N THR A 73 6.71 -5.40 -24.39
CA THR A 73 6.09 -5.11 -23.08
C THR A 73 6.37 -3.67 -22.70
N PHE A 74 7.59 -3.22 -22.94
CA PHE A 74 7.98 -1.84 -22.66
C PHE A 74 8.27 -1.09 -23.95
N ILE A 75 8.01 0.21 -23.96
CA ILE A 75 8.67 1.11 -24.90
CA ILE A 75 8.68 1.10 -24.89
C ILE A 75 9.50 2.09 -24.08
N ARG A 76 10.65 2.49 -24.60
CA ARG A 76 11.53 3.39 -23.88
C ARG A 76 11.05 4.81 -24.06
N LEU A 77 10.88 5.52 -22.96
CA LEU A 77 10.43 6.89 -23.03
C LEU A 77 11.58 7.82 -23.38
N ASN A 78 11.25 9.01 -23.88
CA ASN A 78 12.23 10.02 -24.26
C ASN A 78 13.10 10.39 -23.06
N PRO A 79 14.41 10.13 -23.13
CA PRO A 79 15.29 10.34 -21.98
C PRO A 79 15.48 11.81 -21.62
N GLU A 80 15.22 12.70 -22.56
CA GLU A 80 15.32 14.13 -22.30
C GLU A 80 14.22 14.59 -21.34
N LYS A 81 13.18 13.76 -21.19
CA LYS A 81 12.05 14.09 -20.31
C LYS A 81 11.93 13.17 -19.10
N HIS A 82 12.31 11.90 -19.28
CA HIS A 82 12.40 10.94 -18.18
C HIS A 82 13.57 10.01 -18.41
N LYS A 83 14.65 10.19 -17.66
CA LYS A 83 15.82 9.31 -17.76
C LYS A 83 15.40 7.88 -17.44
N ASN A 84 15.86 6.92 -18.23
CA ASN A 84 15.77 5.49 -17.89
C ASN A 84 14.34 5.11 -17.48
N SER A 85 13.38 5.43 -18.34
CA SER A 85 11.97 5.20 -18.01
C SER A 85 11.22 4.53 -19.15
N TYR A 86 10.14 3.83 -18.79
CA TYR A 86 9.48 2.93 -19.72
C TYR A 86 7.97 2.99 -19.56
N LEU A 87 7.27 2.67 -20.64
CA LEU A 87 5.82 2.60 -20.66
C LEU A 87 5.40 1.17 -20.99
N ALA A 88 4.57 0.59 -20.12
CA ALA A 88 4.00 -0.73 -20.37
C ALA A 88 2.51 -0.62 -20.54
N LEU A 89 1.96 -1.28 -21.56
CA LEU A 89 0.51 -1.36 -21.75
C LEU A 89 0.09 -2.80 -21.54
N SER A 90 -0.86 -3.01 -20.63
CA SER A 90 -1.28 -4.36 -20.27
C SER A 90 -2.42 -4.85 -21.14
N ASP A 91 -2.65 -6.16 -21.12
CA ASP A 91 -3.90 -6.73 -21.62
C ASP A 91 -5.03 -6.04 -20.87
N PRO A 92 -6.02 -5.50 -21.60
CA PRO A 92 -7.13 -4.81 -20.93
C PRO A 92 -7.90 -5.70 -19.97
N SER A 93 -7.77 -7.02 -20.11
CA SER A 93 -8.46 -7.95 -19.22
C SER A 93 -7.73 -8.14 -17.87
N ASP A 94 -6.52 -7.61 -17.75
CA ASP A 94 -5.72 -7.89 -16.55
C ASP A 94 -5.70 -6.73 -15.57
N VAL A 95 -6.55 -5.74 -15.81
CA VAL A 95 -6.64 -4.59 -14.91
C VAL A 95 -7.91 -4.64 -14.05
N ALA A 96 -8.74 -5.66 -14.26
CA ALA A 96 -10.02 -5.74 -13.55
C ALA A 96 -9.80 -6.11 -12.09
N ARG A 97 -10.75 -5.72 -11.23
CA ARG A 97 -10.65 -6.05 -9.82
C ARG A 97 -10.80 -7.55 -9.60
N VAL A 98 -10.05 -8.08 -8.65
CA VAL A 98 -9.96 -9.51 -8.45
C VAL A 98 -10.03 -9.84 -6.96
N GLU A 99 -10.71 -9.00 -6.20
CA GLU A 99 -10.93 -9.32 -4.80
C GLU A 99 -11.56 -10.68 -4.64
N SER A 100 -12.51 -11.02 -5.50
CA SER A 100 -13.21 -12.29 -5.41
C SER A 100 -12.29 -13.49 -5.68
N ARG A 101 -11.13 -13.22 -6.27
CA ARG A 101 -10.15 -14.25 -6.59
C ARG A 101 -8.98 -14.25 -5.61
N THR A 102 -9.12 -13.44 -4.55
CA THR A 102 -8.07 -13.29 -3.56
C THR A 102 -8.50 -14.02 -2.29
N TYR A 103 -7.64 -14.89 -1.77
CA TYR A 103 -8.05 -15.82 -0.72
C TYR A 103 -7.09 -15.83 0.45
N ILE A 104 -7.65 -15.98 1.66
CA ILE A 104 -6.88 -16.29 2.86
C ILE A 104 -7.19 -17.74 3.21
N CYS A 105 -6.22 -18.63 3.03
CA CYS A 105 -6.49 -20.04 3.24
C CYS A 105 -5.89 -20.54 4.54
N SER A 106 -6.42 -20.04 5.66
CA SER A 106 -6.10 -20.54 6.97
C SER A 106 -6.68 -21.94 7.15
N ALA A 107 -6.16 -22.70 8.12
CA ALA A 107 -6.64 -24.07 8.34
C ALA A 107 -8.14 -24.11 8.65
N LYS A 108 -8.61 -23.12 9.41
CA LYS A 108 -10.01 -22.99 9.76
C LYS A 108 -10.61 -21.70 9.19
N GLU A 109 -11.85 -21.79 8.72
CA GLU A 109 -12.53 -20.65 8.11
C GLU A 109 -12.64 -19.46 9.06
N ILE A 110 -12.85 -19.74 10.35
CA ILE A 110 -13.03 -18.66 11.32
C ILE A 110 -11.79 -17.77 11.38
N ASP A 111 -10.64 -18.34 11.06
CA ASP A 111 -9.39 -17.59 11.16
C ASP A 111 -9.11 -16.75 9.94
N ALA A 112 -9.96 -16.88 8.93
CA ALA A 112 -9.99 -15.95 7.82
C ALA A 112 -11.02 -14.87 8.15
N GLY A 113 -12.22 -15.27 8.56
CA GLY A 113 -13.18 -14.33 9.09
C GLY A 113 -14.03 -13.66 8.02
N PRO A 114 -15.01 -12.86 8.45
CA PRO A 114 -16.03 -12.31 7.54
C PRO A 114 -15.52 -11.29 6.52
N THR A 115 -14.34 -10.70 6.72
CA THR A 115 -13.81 -9.75 5.73
C THR A 115 -12.94 -10.42 4.69
N ASN A 116 -12.78 -11.73 4.78
CA ASN A 116 -11.91 -12.44 3.86
C ASN A 116 -12.61 -13.54 3.08
N ASN A 117 -12.03 -13.90 1.94
CA ASN A 117 -12.51 -15.06 1.19
C ASN A 117 -11.72 -16.28 1.61
N TRP A 118 -12.41 -17.33 2.04
CA TRP A 118 -11.71 -18.52 2.51
C TRP A 118 -11.91 -19.70 1.56
N MET A 119 -10.91 -20.57 1.53
CA MET A 119 -11.07 -21.91 1.00
C MET A 119 -10.21 -22.85 1.83
N ASP A 120 -10.67 -24.10 1.99
CA ASP A 120 -9.85 -25.09 2.66
C ASP A 120 -8.49 -25.13 1.96
N PRO A 121 -7.40 -25.05 2.74
CA PRO A 121 -6.08 -24.95 2.11
C PRO A 121 -5.74 -26.19 1.29
N GLY A 122 -6.20 -27.37 1.71
CA GLY A 122 -5.97 -28.57 0.94
C GLY A 122 -6.64 -28.49 -0.42
N GLU A 123 -7.89 -28.02 -0.45
CA GLU A 123 -8.61 -27.86 -1.71
C GLU A 123 -7.91 -26.84 -2.59
N MET A 124 -7.46 -25.73 -1.99
CA MET A 124 -6.77 -24.71 -2.76
C MET A 124 -5.46 -25.21 -3.35
N ARG A 125 -4.66 -25.91 -2.55
CA ARG A 125 -3.40 -26.44 -3.05
C ARG A 125 -3.65 -27.40 -4.21
N SER A 126 -4.71 -28.19 -4.12
CA SER A 126 -5.03 -29.14 -5.20
CA SER A 126 -5.02 -29.14 -5.18
C SER A 126 -5.32 -28.41 -6.51
N ILE A 127 -6.11 -27.35 -6.41
CA ILE A 127 -6.45 -26.54 -7.58
C ILE A 127 -5.20 -25.86 -8.15
N MET A 128 -4.46 -25.17 -7.30
CA MET A 128 -3.33 -24.39 -7.79
C MET A 128 -2.14 -25.21 -8.26
N LYS A 129 -1.85 -26.32 -7.58
CA LYS A 129 -0.75 -27.17 -8.04
C LYS A 129 -1.07 -27.72 -9.42
N ASP A 130 -2.36 -27.93 -9.69
CA ASP A 130 -2.73 -28.38 -11.02
C ASP A 130 -2.45 -27.29 -12.04
N LEU A 131 -2.85 -26.06 -11.71
CA LEU A 131 -2.61 -24.92 -12.60
C LEU A 131 -1.13 -24.70 -12.86
N TYR A 132 -0.31 -24.88 -11.82
CA TYR A 132 1.13 -24.63 -11.95
C TYR A 132 1.87 -25.68 -12.79
N ARG A 133 1.31 -26.88 -12.94
CA ARG A 133 2.01 -27.94 -13.67
C ARG A 133 2.25 -27.52 -15.12
N GLY A 134 3.52 -27.43 -15.50
CA GLY A 134 3.93 -27.00 -16.83
C GLY A 134 3.62 -25.56 -17.22
N CYS A 135 3.27 -24.71 -16.27
CA CYS A 135 2.78 -23.38 -16.60
C CYS A 135 3.86 -22.46 -17.12
N MET A 136 5.13 -22.80 -16.88
CA MET A 136 6.23 -21.95 -17.30
C MET A 136 6.97 -22.45 -18.53
N ARG A 137 6.38 -23.39 -19.25
CA ARG A 137 7.04 -23.89 -20.46
C ARG A 137 7.29 -22.72 -21.40
N GLY A 138 8.46 -22.69 -22.01
CA GLY A 138 8.82 -21.63 -22.95
C GLY A 138 9.28 -20.35 -22.31
N ARG A 139 9.36 -20.33 -20.98
CA ARG A 139 9.66 -19.10 -20.25
C ARG A 139 10.86 -19.23 -19.31
N THR A 140 11.45 -18.10 -18.96
CA THR A 140 12.47 -18.09 -17.92
C THR A 140 11.77 -18.00 -16.57
N MET A 141 12.24 -18.82 -15.62
CA MET A 141 11.79 -18.70 -14.24
C MET A 141 12.80 -17.89 -13.44
N TYR A 142 12.36 -16.75 -12.91
CA TYR A 142 13.23 -15.87 -12.13
C TYR A 142 13.04 -16.19 -10.66
N VAL A 143 14.15 -16.19 -9.92
CA VAL A 143 14.12 -16.37 -8.48
C VAL A 143 14.61 -15.06 -7.89
N VAL A 144 13.70 -14.34 -7.23
CA VAL A 144 13.92 -12.94 -6.84
C VAL A 144 13.97 -12.76 -5.32
N PRO A 145 15.19 -12.75 -4.75
CA PRO A 145 15.28 -12.56 -3.30
C PRO A 145 15.05 -11.11 -2.97
N PHE A 146 14.36 -10.82 -1.87
CA PHE A 146 14.15 -9.43 -1.50
C PHE A 146 13.99 -9.25 0.01
N CYS A 147 14.15 -8.02 0.45
CA CYS A 147 14.03 -7.71 1.87
C CYS A 147 12.99 -6.62 2.03
N MET A 148 12.07 -6.81 2.96
CA MET A 148 11.02 -5.83 3.25
C MET A 148 11.51 -4.97 4.40
N GLY A 149 11.83 -3.71 4.10
CA GLY A 149 12.37 -2.80 5.09
C GLY A 149 13.87 -2.72 4.96
N PRO A 150 14.49 -1.77 5.66
CA PRO A 150 15.95 -1.58 5.61
C PRO A 150 16.70 -2.87 5.97
N LEU A 151 17.81 -3.09 5.27
CA LEU A 151 18.59 -4.32 5.39
CA LEU A 151 18.56 -4.33 5.39
C LEU A 151 19.26 -4.50 6.76
N GLY A 152 19.27 -3.44 7.57
CA GLY A 152 19.96 -3.50 8.84
C GLY A 152 19.11 -3.79 10.07
N ALA A 153 17.93 -4.36 9.86
CA ALA A 153 16.99 -4.60 10.96
C ALA A 153 17.34 -5.78 11.87
N GLU A 154 16.71 -5.83 13.04
CA GLU A 154 16.93 -6.92 13.99
C GLU A 154 16.36 -8.22 13.43
N ASP A 155 15.08 -8.20 13.08
CA ASP A 155 14.45 -9.32 12.41
C ASP A 155 14.04 -8.88 11.01
N PRO A 156 14.99 -8.89 10.06
CA PRO A 156 14.70 -8.46 8.69
C PRO A 156 13.71 -9.43 8.08
N LYS A 157 12.63 -8.92 7.47
CA LYS A 157 11.63 -9.81 6.88
C LYS A 157 11.99 -10.02 5.42
N LEU A 158 12.41 -11.23 5.10
CA LEU A 158 12.94 -11.55 3.80
C LEU A 158 11.91 -12.36 3.02
N GLY A 159 12.08 -12.38 1.70
CA GLY A 159 11.17 -13.14 0.86
C GLY A 159 11.87 -13.54 -0.41
N VAL A 160 11.31 -14.51 -1.13
CA VAL A 160 11.80 -14.84 -2.44
C VAL A 160 10.57 -14.98 -3.28
N GLU A 161 10.49 -14.20 -4.35
CA GLU A 161 9.40 -14.38 -5.29
C GLU A 161 9.95 -15.13 -6.49
N ILE A 162 9.35 -16.28 -6.78
CA ILE A 162 9.60 -16.95 -8.04
C ILE A 162 8.55 -16.45 -9.03
N THR A 163 8.99 -16.05 -10.22
CA THR A 163 8.05 -15.51 -11.21
C THR A 163 8.52 -15.82 -12.62
N ASP A 164 7.58 -15.94 -13.56
CA ASP A 164 7.94 -16.07 -14.96
C ASP A 164 7.78 -14.75 -15.71
N SER A 165 7.66 -13.65 -14.96
CA SER A 165 7.41 -12.37 -15.59
C SER A 165 8.57 -11.41 -15.40
N GLU A 166 9.19 -10.99 -16.51
CA GLU A 166 10.26 -10.01 -16.44
C GLU A 166 9.77 -8.65 -15.95
N TYR A 167 8.52 -8.31 -16.27
CA TYR A 167 7.91 -7.08 -15.79
C TYR A 167 7.89 -7.08 -14.26
N VAL A 168 7.52 -8.20 -13.69
CA VAL A 168 7.53 -8.36 -12.23
C VAL A 168 8.93 -8.16 -11.64
N VAL A 169 9.94 -8.76 -12.25
CA VAL A 169 11.29 -8.60 -11.73
C VAL A 169 11.74 -7.15 -11.67
N VAL A 170 11.55 -6.42 -12.78
CA VAL A 170 11.95 -5.02 -12.86
C VAL A 170 11.19 -4.16 -11.84
N SER A 171 9.89 -4.40 -11.69
CA SER A 171 9.10 -3.66 -10.72
C SER A 171 9.47 -4.01 -9.28
N MET A 172 9.82 -5.27 -9.03
CA MET A 172 10.24 -5.68 -7.69
C MET A 172 11.56 -5.04 -7.32
N ARG A 173 12.39 -4.76 -8.31
CA ARG A 173 13.67 -4.12 -8.05
C ARG A 173 13.46 -2.70 -7.52
N THR A 174 12.42 -2.05 -8.01
CA THR A 174 12.07 -0.72 -7.54
C THR A 174 11.30 -0.77 -6.23
N MET A 175 10.37 -1.72 -6.10
CA MET A 175 9.46 -1.74 -4.95
C MET A 175 10.00 -2.38 -3.67
N THR A 176 11.08 -3.14 -3.78
CA THR A 176 11.68 -3.82 -2.64
C THR A 176 13.19 -3.71 -2.73
N ARG A 177 13.88 -4.04 -1.66
CA ARG A 177 15.33 -4.12 -1.72
C ARG A 177 15.66 -5.50 -2.23
N MET A 178 15.95 -5.56 -3.52
CA MET A 178 15.97 -6.83 -4.24
C MET A 178 17.39 -7.30 -4.57
N GLY A 179 17.60 -8.60 -4.49
CA GLY A 179 18.79 -9.21 -5.05
C GLY A 179 19.85 -9.69 -4.08
N LYS A 180 21.11 -9.39 -4.43
CA LYS A 180 22.29 -9.90 -3.72
C LYS A 180 22.26 -9.69 -2.20
N ALA A 181 21.98 -8.47 -1.76
CA ALA A 181 22.04 -8.18 -0.33
C ALA A 181 21.01 -8.99 0.44
N ALA A 182 19.80 -9.08 -0.11
CA ALA A 182 18.74 -9.84 0.55
C ALA A 182 19.06 -11.34 0.57
N LEU A 183 19.59 -11.86 -0.53
CA LEU A 183 19.97 -13.27 -0.59
C LEU A 183 21.04 -13.60 0.47
N GLU A 184 21.99 -12.69 0.63
CA GLU A 184 23.05 -12.90 1.62
C GLU A 184 22.52 -12.84 3.05
N LYS A 185 21.53 -12.00 3.26
CA LYS A 185 20.91 -11.86 4.58
C LYS A 185 20.16 -13.14 4.99
N MET A 186 19.79 -13.95 4.01
CA MET A 186 19.10 -15.20 4.31
CA MET A 186 19.10 -15.20 4.31
C MET A 186 20.05 -16.23 4.93
N GLY A 187 21.35 -15.99 4.79
CA GLY A 187 22.34 -16.90 5.34
C GLY A 187 22.18 -18.30 4.79
N ASP A 188 22.49 -19.31 5.62
CA ASP A 188 22.36 -20.69 5.16
C ASP A 188 21.03 -21.35 5.51
N ASP A 189 20.30 -20.78 6.49
CA ASP A 189 19.01 -21.37 6.84
C ASP A 189 17.98 -20.37 7.36
N GLY A 190 18.14 -19.10 7.02
CA GLY A 190 17.20 -18.08 7.45
C GLY A 190 15.79 -18.32 6.93
N PHE A 191 14.80 -17.88 7.69
CA PHE A 191 13.42 -17.99 7.25
C PHE A 191 13.15 -16.95 6.17
N PHE A 192 12.31 -17.29 5.20
CA PHE A 192 11.85 -16.32 4.22
C PHE A 192 10.44 -16.68 3.75
N VAL A 193 9.70 -15.68 3.31
CA VAL A 193 8.37 -15.89 2.75
C VAL A 193 8.54 -16.46 1.35
N LYS A 194 7.91 -17.61 1.11
CA LYS A 194 7.89 -18.22 -0.21
C LYS A 194 6.74 -17.67 -1.03
N ALA A 195 7.06 -16.94 -2.10
CA ALA A 195 6.05 -16.31 -2.91
C ALA A 195 6.18 -16.83 -4.34
N LEU A 196 5.15 -17.52 -4.81
CA LEU A 196 5.21 -18.16 -6.11
C LEU A 196 4.24 -17.45 -7.04
N HIS A 197 4.71 -17.13 -8.24
CA HIS A 197 3.87 -16.42 -9.20
C HIS A 197 4.05 -16.94 -10.62
N SER A 198 2.95 -17.12 -11.33
CA SER A 198 3.04 -17.35 -12.77
C SER A 198 1.97 -16.58 -13.48
N VAL A 199 2.28 -16.06 -14.66
CA VAL A 199 1.25 -15.46 -15.50
C VAL A 199 0.31 -16.49 -16.15
N GLY A 200 0.66 -17.78 -16.06
CA GLY A 200 -0.23 -18.84 -16.53
C GLY A 200 -0.43 -18.84 -18.04
N ALA A 201 0.65 -18.62 -18.76
CA ALA A 201 0.61 -18.52 -20.22
C ALA A 201 1.81 -19.26 -20.81
N PRO A 202 1.81 -20.61 -20.69
CA PRO A 202 2.93 -21.39 -21.22
C PRO A 202 3.07 -21.21 -22.73
N LEU A 203 4.31 -21.31 -23.22
CA LEU A 203 4.59 -21.19 -24.65
C LEU A 203 5.14 -22.47 -25.23
N GLU A 204 4.76 -22.77 -26.47
CA GLU A 204 5.37 -23.88 -27.19
C GLU A 204 6.69 -23.43 -27.77
N PRO A 205 7.61 -24.38 -28.01
CA PRO A 205 8.90 -24.00 -28.61
C PRO A 205 8.67 -23.24 -29.90
N GLY A 206 9.31 -22.08 -30.04
CA GLY A 206 9.17 -21.27 -31.24
C GLY A 206 7.91 -20.43 -31.33
N GLN A 207 7.01 -20.54 -30.35
CA GLN A 207 5.77 -19.78 -30.37
C GLN A 207 6.00 -18.31 -30.02
N LYS A 208 5.38 -17.42 -30.79
CA LYS A 208 5.49 -15.98 -30.56
C LYS A 208 4.69 -15.57 -29.31
N ASP A 209 5.33 -14.85 -28.41
CA ASP A 209 4.69 -14.40 -27.18
C ASP A 209 3.86 -13.13 -27.46
N VAL A 210 3.08 -12.70 -26.47
CA VAL A 210 2.41 -11.39 -26.54
C VAL A 210 3.12 -10.46 -25.57
N ALA A 211 2.88 -9.16 -25.69
CA ALA A 211 3.56 -8.18 -24.84
C ALA A 211 3.18 -8.34 -23.37
N TRP A 212 1.92 -8.68 -23.10
CA TRP A 212 1.43 -8.84 -21.73
C TRP A 212 0.69 -10.17 -21.54
N PRO A 213 1.45 -11.24 -21.26
CA PRO A 213 0.85 -12.55 -21.03
C PRO A 213 0.10 -12.61 -19.69
N CYS A 214 -1.00 -13.33 -19.70
CA CYS A 214 -1.82 -13.54 -18.52
C CYS A 214 -2.82 -14.65 -18.81
N SER A 215 -3.64 -14.99 -17.82
CA SER A 215 -4.63 -16.05 -17.98
C SER A 215 -6.02 -15.59 -17.61
N GLU A 216 -7.04 -16.27 -18.14
CA GLU A 216 -8.42 -15.96 -17.75
C GLU A 216 -8.68 -16.51 -16.35
N THR A 217 -7.86 -17.47 -15.94
CA THR A 217 -7.96 -18.06 -14.60
C THR A 217 -6.99 -17.36 -13.66
N LYS A 218 -7.51 -16.73 -12.60
CA LYS A 218 -6.69 -15.98 -11.65
C LYS A 218 -6.96 -16.40 -10.21
N TYR A 219 -5.88 -16.54 -9.44
CA TYR A 219 -5.96 -16.80 -8.01
C TYR A 219 -4.85 -15.99 -7.35
N ILE A 220 -5.15 -15.36 -6.22
CA ILE A 220 -4.14 -14.71 -5.42
C ILE A 220 -4.36 -15.21 -4.02
N THR A 221 -3.56 -16.18 -3.62
CA THR A 221 -3.83 -16.99 -2.45
C THR A 221 -2.75 -16.81 -1.38
N HIS A 222 -3.17 -16.80 -0.13
CA HIS A 222 -2.28 -16.60 1.00
C HIS A 222 -2.46 -17.73 1.98
N PHE A 223 -1.37 -18.32 2.42
CA PHE A 223 -1.41 -19.36 3.45
C PHE A 223 -0.75 -18.79 4.69
N PRO A 224 -1.56 -18.31 5.65
CA PRO A 224 -1.00 -17.54 6.77
C PRO A 224 -0.05 -18.35 7.64
N GLU A 225 -0.39 -19.60 7.93
CA GLU A 225 0.41 -20.39 8.87
C GLU A 225 1.85 -20.57 8.41
N THR A 226 2.02 -20.85 7.12
CA THR A 226 3.35 -21.09 6.55
C THR A 226 3.97 -19.84 5.93
N ARG A 227 3.22 -18.73 5.97
CA ARG A 227 3.66 -17.46 5.39
C ARG A 227 3.98 -17.65 3.92
N GLU A 228 3.07 -18.26 3.18
CA GLU A 228 3.30 -18.49 1.75
C GLU A 228 2.29 -17.71 0.92
N ILE A 229 2.69 -17.29 -0.28
CA ILE A 229 1.80 -16.58 -1.19
C ILE A 229 1.90 -17.29 -2.54
N TRP A 230 0.76 -17.69 -3.09
CA TRP A 230 0.72 -18.32 -4.41
C TRP A 230 -0.17 -17.52 -5.31
N SER A 231 0.38 -17.01 -6.40
CA SER A 231 -0.40 -16.18 -7.32
C SER A 231 -0.34 -16.81 -8.72
N TYR A 232 -1.46 -16.83 -9.42
CA TYR A 232 -1.51 -17.37 -10.78
C TYR A 232 -2.42 -16.55 -11.68
N GLY A 233 -1.94 -16.18 -12.86
CA GLY A 233 -2.83 -15.75 -13.92
C GLY A 233 -2.87 -14.26 -14.20
N SER A 234 -2.39 -13.46 -13.26
CA SER A 234 -2.34 -12.02 -13.51
C SER A 234 -0.90 -11.56 -13.47
N GLY A 235 -0.55 -10.63 -14.34
CA GLY A 235 0.76 -10.04 -14.34
C GLY A 235 0.78 -8.65 -13.73
N TYR A 236 -0.34 -8.24 -13.15
CA TYR A 236 -0.59 -6.83 -12.85
C TYR A 236 -0.48 -6.48 -11.37
N GLY A 237 0.21 -5.37 -11.11
CA GLY A 237 0.11 -4.68 -9.83
C GLY A 237 0.25 -5.57 -8.60
N GLY A 238 -0.65 -5.39 -7.64
CA GLY A 238 -0.58 -6.14 -6.40
C GLY A 238 -0.89 -7.62 -6.55
N ASN A 239 -1.31 -8.09 -7.73
CA ASN A 239 -1.50 -9.52 -7.93
C ASN A 239 -0.19 -10.24 -8.19
N ALA A 240 0.80 -9.47 -8.65
CA ALA A 240 2.02 -10.04 -9.19
C ALA A 240 3.27 -9.50 -8.50
N LEU A 241 3.21 -8.25 -8.05
CA LEU A 241 4.31 -7.67 -7.28
C LEU A 241 4.00 -8.06 -5.85
N LEU A 242 4.55 -9.19 -5.41
CA LEU A 242 4.01 -9.83 -4.21
C LEU A 242 4.42 -9.21 -2.89
N GLY A 243 5.38 -8.28 -2.92
CA GLY A 243 5.67 -7.50 -1.73
C GLY A 243 4.60 -6.45 -1.44
N LYS A 244 3.98 -5.91 -2.49
CA LYS A 244 3.15 -4.71 -2.39
C LYS A 244 1.99 -4.74 -1.38
N LYS A 245 1.14 -5.76 -1.48
CA LYS A 245 0.03 -5.96 -0.54
C LYS A 245 0.07 -7.36 0.06
N CYS A 246 0.43 -8.36 -0.75
CA CYS A 246 0.37 -9.75 -0.27
C CYS A 246 1.30 -9.99 0.91
N TYR A 247 2.54 -9.55 0.80
CA TYR A 247 3.49 -9.64 1.90
C TYR A 247 3.30 -8.47 2.88
N SER A 248 3.33 -7.23 2.38
CA SER A 248 3.32 -6.02 3.25
CA SER A 248 3.34 -6.04 3.26
C SER A 248 2.16 -5.98 4.23
N LEU A 249 1.00 -6.47 3.80
CA LEU A 249 -0.18 -6.39 4.66
C LEU A 249 -0.75 -7.76 5.02
N ARG A 250 -1.01 -8.61 4.04
CA ARG A 250 -1.74 -9.84 4.36
C ARG A 250 -0.92 -10.82 5.17
N ILE A 251 0.22 -11.22 4.64
CA ILE A 251 1.10 -12.11 5.39
C ILE A 251 1.67 -11.38 6.61
N ALA A 252 2.11 -10.14 6.43
CA ALA A 252 2.71 -9.43 7.56
C ALA A 252 1.73 -9.19 8.70
N SER A 253 0.46 -8.98 8.42
CA SER A 253 -0.50 -8.79 9.51
C SER A 253 -0.61 -10.04 10.37
N ALA A 254 -0.52 -11.20 9.73
CA ALA A 254 -0.52 -12.48 10.45
C ALA A 254 0.76 -12.66 11.25
N MET A 255 1.90 -12.29 10.68
CA MET A 255 3.14 -12.33 11.44
C MET A 255 3.04 -11.39 12.64
N ALA A 256 2.54 -10.18 12.41
CA ALA A 256 2.49 -9.14 13.43
C ALA A 256 1.59 -9.58 14.59
N HIS A 257 0.50 -10.25 14.24
CA HIS A 257 -0.42 -10.84 15.20
C HIS A 257 0.31 -11.81 16.14
N ASP A 258 1.14 -12.69 15.57
CA ASP A 258 1.81 -13.71 16.37
C ASP A 258 3.01 -13.16 17.14
N GLU A 259 3.58 -12.06 16.64
CA GLU A 259 4.88 -11.58 17.09
C GLU A 259 4.82 -10.27 17.88
N GLY A 260 3.63 -9.71 18.04
CA GLY A 260 3.45 -8.58 18.93
C GLY A 260 3.69 -7.20 18.34
N TRP A 261 3.50 -7.06 17.04
CA TRP A 261 3.69 -5.77 16.39
C TRP A 261 2.51 -5.47 15.46
N LEU A 262 2.63 -4.42 14.64
CA LEU A 262 1.52 -4.04 13.76
C LEU A 262 1.97 -3.84 12.32
N ALA A 263 1.25 -4.42 11.37
CA ALA A 263 1.49 -4.21 9.95
C ALA A 263 0.24 -3.56 9.38
N GLU A 264 0.37 -2.31 8.93
CA GLU A 264 -0.79 -1.47 8.69
C GLU A 264 -0.73 -0.71 7.37
N HIS A 265 -1.90 -0.28 6.93
CA HIS A 265 -2.08 0.43 5.67
C HIS A 265 -2.01 1.92 5.95
N MET A 266 -0.79 2.38 6.26
CA MET A 266 -0.59 3.76 6.72
C MET A 266 0.56 4.44 6.03
N LEU A 267 0.37 5.73 5.72
CA LEU A 267 1.47 6.59 5.32
C LEU A 267 2.28 6.91 6.57
N ILE A 268 3.51 7.35 6.37
CA ILE A 268 4.34 7.81 7.49
C ILE A 268 4.83 9.20 7.14
N LEU A 269 4.46 10.17 7.97
CA LEU A 269 4.78 11.57 7.74
C LEU A 269 5.65 12.15 8.84
N LYS A 270 6.67 12.92 8.45
CA LYS A 270 7.49 13.66 9.42
C LYS A 270 7.11 15.13 9.31
N LEU A 271 6.69 15.71 10.43
CA LEU A 271 6.28 17.11 10.45
C LEU A 271 7.21 17.84 11.40
N ILE A 272 7.77 18.95 10.95
CA ILE A 272 8.71 19.72 11.75
CA ILE A 272 8.71 19.72 11.75
C ILE A 272 8.10 21.08 12.08
N SER A 273 8.06 21.42 13.37
CA SER A 273 7.42 22.66 13.81
C SER A 273 8.40 23.83 13.74
N PRO A 274 7.90 25.07 13.94
CA PRO A 274 8.79 26.23 13.96
C PRO A 274 9.85 26.20 15.06
N GLU A 275 9.71 25.36 16.09
CA GLU A 275 10.78 25.26 17.07
C GLU A 275 11.80 24.22 16.62
N ASN A 276 11.61 23.70 15.40
CA ASN A 276 12.51 22.74 14.78
C ASN A 276 12.51 21.36 15.44
N LYS A 277 11.36 21.00 16.01
CA LYS A 277 11.15 19.67 16.56
C LYS A 277 10.36 18.82 15.58
N ALA A 278 10.78 17.57 15.42
CA ALA A 278 10.14 16.66 14.47
C ALA A 278 9.11 15.78 15.17
N TYR A 279 8.00 15.58 14.49
CA TYR A 279 6.95 14.67 14.95
C TYR A 279 6.68 13.69 13.83
N TYR A 280 6.38 12.44 14.17
CA TYR A 280 6.09 11.44 13.14
C TYR A 280 4.68 10.93 13.28
N PHE A 281 3.95 10.91 12.16
CA PHE A 281 2.57 10.47 12.19
C PHE A 281 2.36 9.31 11.24
N ALA A 282 1.53 8.37 11.66
CA ALA A 282 1.11 7.29 10.76
C ALA A 282 -0.38 7.48 10.50
N ALA A 283 -0.81 7.38 9.24
CA ALA A 283 -2.22 7.67 8.95
C ALA A 283 -2.81 6.64 8.00
N ALA A 284 -3.93 6.05 8.40
CA ALA A 284 -4.61 5.05 7.60
C ALA A 284 -5.87 5.62 6.97
N PHE A 285 -5.86 5.74 5.65
CA PHE A 285 -7.04 6.14 4.89
C PHE A 285 -7.24 5.08 3.82
N PRO A 286 -8.50 4.75 3.51
CA PRO A 286 -8.77 3.83 2.40
C PRO A 286 -8.33 4.43 1.06
N SER A 287 -8.37 3.64 0.00
CA SER A 287 -7.92 4.11 -1.31
C SER A 287 -8.70 5.34 -1.73
N ALA A 288 -7.99 6.27 -2.38
CA ALA A 288 -8.57 7.52 -2.87
C ALA A 288 -9.10 8.43 -1.75
N CYS A 289 -8.52 8.33 -0.55
CA CYS A 289 -8.95 9.19 0.56
C CYS A 289 -7.84 10.13 1.03
N GLY A 290 -6.75 10.18 0.29
CA GLY A 290 -5.76 11.24 0.49
C GLY A 290 -4.43 10.87 1.09
N LYS A 291 -4.07 9.59 1.10
CA LYS A 291 -2.78 9.17 1.65
C LYS A 291 -1.60 9.83 0.96
N THR A 292 -1.58 9.77 -0.36
CA THR A 292 -0.42 10.25 -1.09
C THR A 292 -0.26 11.77 -0.95
N ASN A 293 -1.38 12.49 -0.98
CA ASN A 293 -1.35 13.94 -0.78
C ASN A 293 -0.88 14.35 0.62
N LEU A 294 -1.34 13.63 1.64
CA LEU A 294 -0.89 13.93 3.02
C LEU A 294 0.55 13.51 3.25
N ALA A 295 0.93 12.34 2.70
CA ALA A 295 2.29 11.87 2.86
C ALA A 295 3.31 12.85 2.28
N MET A 296 2.92 13.61 1.26
CA MET A 296 3.82 14.56 0.62
C MET A 296 3.37 16.01 0.84
N LEU A 297 2.76 16.23 2.00
CA LEU A 297 2.25 17.53 2.42
C LEU A 297 3.25 18.67 2.25
N GLN A 298 2.77 19.79 1.72
CA GLN A 298 3.51 21.05 1.72
C GLN A 298 2.76 22.02 2.63
N PRO A 299 3.23 22.22 3.88
CA PRO A 299 2.47 23.07 4.80
C PRO A 299 2.30 24.49 4.28
N THR A 300 1.21 25.15 4.68
CA THR A 300 0.85 26.47 4.15
C THR A 300 1.00 27.54 5.22
N ILE A 301 1.56 27.16 6.35
CA ILE A 301 1.77 28.08 7.46
C ILE A 301 3.28 28.16 7.73
N PRO A 302 3.78 29.38 7.97
CA PRO A 302 5.23 29.61 8.08
C PRO A 302 5.89 28.83 9.22
N GLY A 303 7.06 28.27 8.94
CA GLY A 303 7.84 27.61 9.98
C GLY A 303 7.58 26.13 10.08
N TRP A 304 6.55 25.66 9.39
CA TRP A 304 6.22 24.24 9.39
C TRP A 304 6.72 23.58 8.11
N ARG A 305 7.38 22.44 8.28
CA ARG A 305 7.96 21.70 7.16
C ARG A 305 7.53 20.24 7.24
N ALA A 306 7.47 19.57 6.10
CA ALA A 306 7.10 18.17 6.11
C ALA A 306 8.01 17.36 5.21
N GLU A 307 8.28 16.12 5.63
CA GLU A 307 9.07 15.19 4.84
C GLU A 307 8.36 13.84 4.85
N THR A 308 8.59 13.03 3.82
CA THR A 308 7.87 11.75 3.72
C THR A 308 8.73 10.56 4.11
N LEU A 309 8.12 9.57 4.75
CA LEU A 309 8.76 8.26 4.90
C LEU A 309 8.02 7.15 4.15
N GLY A 310 6.77 7.42 3.78
CA GLY A 310 6.01 6.42 3.03
C GLY A 310 4.60 6.89 2.79
N ASP A 311 3.95 6.31 1.77
CA ASP A 311 2.58 6.67 1.49
C ASP A 311 1.64 5.47 1.37
N ASP A 312 2.01 4.34 1.94
CA ASP A 312 1.15 3.16 1.79
C ASP A 312 1.19 2.18 2.95
N ILE A 313 2.38 1.67 3.27
CA ILE A 313 2.50 0.65 4.32
C ILE A 313 3.40 1.10 5.46
N ALA A 314 2.97 0.82 6.69
CA ALA A 314 3.80 1.08 7.86
C ALA A 314 3.86 -0.17 8.71
N TRP A 315 5.06 -0.53 9.16
CA TRP A 315 5.21 -1.62 10.10
C TRP A 315 5.65 -1.00 11.40
N MET A 316 4.88 -1.21 12.47
CA MET A 316 5.16 -0.54 13.75
C MET A 316 5.48 -1.55 14.84
N ARG A 317 6.56 -1.28 15.58
CA ARG A 317 7.04 -2.21 16.59
C ARG A 317 7.45 -1.40 17.80
N PHE A 318 7.21 -1.92 19.00
CA PHE A 318 7.66 -1.21 20.20
C PHE A 318 9.18 -1.23 20.32
N GLY A 319 9.76 -0.09 20.68
CA GLY A 319 11.19 -0.02 20.94
C GLY A 319 11.46 -0.26 22.41
N LYS A 320 12.73 -0.30 22.81
CA LYS A 320 13.05 -0.57 24.21
C LYS A 320 12.55 0.53 25.13
N ASP A 321 12.41 1.73 24.57
CA ASP A 321 11.93 2.87 25.35
C ASP A 321 10.41 2.89 25.53
N GLY A 322 9.71 1.93 24.92
CA GLY A 322 8.29 1.82 25.12
C GLY A 322 7.43 2.53 24.08
N ARG A 323 8.08 3.28 23.18
CA ARG A 323 7.35 3.95 22.11
C ARG A 323 7.18 3.03 20.90
N LEU A 324 6.20 3.37 20.06
CA LEU A 324 5.93 2.62 18.84
CA LEU A 324 5.92 2.63 18.82
C LEU A 324 6.72 3.24 17.70
N TYR A 325 7.54 2.42 17.04
CA TYR A 325 8.39 2.89 15.93
C TYR A 325 7.92 2.36 14.59
N ALA A 326 7.84 3.25 13.60
CA ALA A 326 7.36 2.86 12.28
C ALA A 326 8.49 2.76 11.27
N VAL A 327 8.44 1.71 10.45
CA VAL A 327 9.32 1.56 9.30
CA VAL A 327 9.31 1.63 9.28
C VAL A 327 8.46 1.37 8.05
N ASN A 328 8.91 1.88 6.91
CA ASN A 328 8.27 1.57 5.64
C ASN A 328 8.95 0.34 5.06
N PRO A 329 8.20 -0.77 4.91
CA PRO A 329 8.85 -1.97 4.39
C PRO A 329 9.12 -1.91 2.89
N GLU A 330 8.62 -0.90 2.20
CA GLU A 330 8.80 -0.84 0.75
C GLU A 330 9.95 0.06 0.35
N PHE A 331 10.33 0.00 -0.92
CA PHE A 331 11.52 0.69 -1.42
C PHE A 331 11.16 1.63 -2.57
N GLY A 332 9.91 1.57 -3.00
CA GLY A 332 9.45 2.42 -4.09
C GLY A 332 8.01 2.87 -3.93
N PHE A 333 7.59 3.79 -4.80
CA PHE A 333 6.20 4.22 -4.85
C PHE A 333 5.50 3.53 -6.00
N PHE A 334 4.30 3.00 -5.76
CA PHE A 334 3.49 2.40 -6.81
C PHE A 334 2.16 3.15 -6.82
N GLY A 335 2.17 4.32 -7.46
CA GLY A 335 1.07 5.26 -7.31
C GLY A 335 0.09 5.27 -8.45
N VAL A 336 -1.14 5.68 -8.16
CA VAL A 336 -2.12 5.86 -9.22
C VAL A 336 -1.80 7.14 -9.94
N ALA A 337 -1.64 7.07 -11.26
CA ALA A 337 -1.20 8.22 -12.01
C ALA A 337 -2.31 9.27 -12.21
N PRO A 338 -3.49 8.86 -12.72
CA PRO A 338 -4.51 9.89 -12.95
C PRO A 338 -4.83 10.65 -11.67
N GLY A 339 -4.91 11.97 -11.77
CA GLY A 339 -5.15 12.82 -10.61
C GLY A 339 -3.86 13.48 -10.15
N THR A 340 -2.75 12.75 -10.28
CA THR A 340 -1.46 13.30 -9.91
C THR A 340 -1.07 14.38 -10.90
N ASN A 341 -0.79 15.57 -10.39
CA ASN A 341 -0.35 16.68 -11.23
C ASN A 341 0.55 17.65 -10.48
N TRP A 342 1.09 18.65 -11.19
CA TRP A 342 2.10 19.53 -10.65
C TRP A 342 1.57 20.51 -9.60
N LYS A 343 0.25 20.69 -9.56
CA LYS A 343 -0.34 21.64 -8.62
C LYS A 343 -0.94 20.97 -7.38
N SER A 344 -1.55 19.81 -7.55
CA SER A 344 -2.02 19.04 -6.40
C SER A 344 -0.85 18.39 -5.63
N ASN A 345 0.10 17.80 -6.37
CA ASN A 345 1.25 17.15 -5.74
C ASN A 345 2.54 17.31 -6.55
N PRO A 346 3.18 18.47 -6.44
CA PRO A 346 4.43 18.73 -7.16
C PRO A 346 5.58 17.84 -6.68
N ASN A 347 5.52 17.37 -5.44
CA ASN A 347 6.60 16.55 -4.92
C ASN A 347 6.55 15.14 -5.52
N ALA A 348 5.35 14.64 -5.73
CA ALA A 348 5.18 13.38 -6.46
C ALA A 348 5.69 13.56 -7.89
N MET A 349 5.30 14.65 -8.54
CA MET A 349 5.71 14.90 -9.92
C MET A 349 7.23 15.02 -10.02
N ARG A 350 7.85 15.64 -9.03
CA ARG A 350 9.30 15.79 -8.99
CA ARG A 350 9.30 15.78 -9.03
C ARG A 350 9.99 14.43 -8.82
N THR A 351 9.36 13.55 -8.04
CA THR A 351 9.90 12.22 -7.80
C THR A 351 9.91 11.45 -9.12
N ILE A 352 8.79 11.53 -9.83
CA ILE A 352 8.64 10.91 -11.15
C ILE A 352 9.56 11.53 -12.21
N ALA A 353 9.71 12.85 -12.17
CA ALA A 353 10.54 13.57 -13.15
C ALA A 353 12.01 13.12 -13.17
N ALA A 354 12.49 12.63 -12.03
CA ALA A 354 13.86 12.16 -11.91
C ALA A 354 14.10 10.85 -12.67
N GLY A 355 13.01 10.27 -13.20
CA GLY A 355 13.15 9.11 -14.08
C GLY A 355 13.18 7.76 -13.35
N ASN A 356 13.87 6.79 -13.95
CA ASN A 356 13.95 5.44 -13.39
C ASN A 356 12.57 4.87 -13.08
N THR A 357 11.59 5.25 -13.90
CA THR A 357 10.19 4.95 -13.60
C THR A 357 9.58 4.05 -14.66
N VAL A 358 8.78 3.08 -14.23
CA VAL A 358 7.95 2.32 -15.15
C VAL A 358 6.52 2.80 -15.01
N PHE A 359 5.93 3.28 -16.10
CA PHE A 359 4.53 3.66 -16.13
C PHE A 359 3.73 2.54 -16.75
N THR A 360 2.57 2.23 -16.18
CA THR A 360 1.72 1.18 -16.75
C THR A 360 0.36 1.74 -17.09
N ASN A 361 -0.01 1.62 -18.36
CA ASN A 361 -1.33 2.03 -18.88
C ASN A 361 -1.63 3.52 -18.89
N VAL A 362 -0.59 4.35 -18.99
CA VAL A 362 -0.79 5.77 -19.23
C VAL A 362 -0.67 6.04 -20.73
N ALA A 363 -0.87 7.29 -21.13
CA ALA A 363 -0.85 7.66 -22.55
C ALA A 363 0.53 8.17 -22.98
N LEU A 364 0.80 8.06 -24.28
CA LEU A 364 2.08 8.46 -24.86
C LEU A 364 1.94 9.73 -25.72
N THR A 365 2.77 10.72 -25.45
CA THR A 365 2.75 11.97 -26.21
C THR A 365 3.59 11.84 -27.48
N ASP A 366 3.46 12.80 -28.39
CA ASP A 366 4.15 12.72 -29.67
C ASP A 366 5.67 12.83 -29.52
N ASP A 367 6.12 13.40 -28.41
CA ASP A 367 7.55 13.57 -28.16
C ASP A 367 8.09 12.61 -27.09
N GLY A 368 7.39 11.50 -26.89
CA GLY A 368 7.91 10.43 -26.04
C GLY A 368 7.80 10.70 -24.55
N ASP A 369 6.87 11.56 -24.18
CA ASP A 369 6.58 11.85 -22.77
C ASP A 369 5.32 11.07 -22.45
N VAL A 370 4.91 11.08 -21.18
CA VAL A 370 3.67 10.40 -20.81
C VAL A 370 2.61 11.41 -20.34
N TRP A 371 1.35 11.01 -20.41
CA TRP A 371 0.25 11.85 -19.96
C TRP A 371 -0.87 11.01 -19.38
N TRP A 372 -1.65 11.64 -18.50
CA TRP A 372 -2.83 11.00 -17.94
C TRP A 372 -3.81 12.10 -17.54
N GLU A 373 -5.08 11.74 -17.45
CA GLU A 373 -6.13 12.68 -17.07
C GLU A 373 -5.74 13.40 -15.78
N GLY A 374 -5.89 14.72 -15.76
CA GLY A 374 -5.53 15.50 -14.59
C GLY A 374 -4.17 16.17 -14.71
N LEU A 375 -3.29 15.61 -15.52
CA LEU A 375 -1.97 16.19 -15.68
C LEU A 375 -2.05 17.45 -16.54
N GLU A 376 -1.19 18.43 -16.25
CA GLU A 376 -1.13 19.66 -17.04
C GLU A 376 -0.66 19.38 -18.47
N GLY A 377 -0.95 20.30 -19.40
CA GLY A 377 -0.37 20.21 -20.73
C GLY A 377 -1.29 20.27 -21.93
N ASP A 378 -2.54 19.84 -21.76
CA ASP A 378 -3.50 19.72 -22.86
C ASP A 378 -2.89 19.22 -24.16
N PRO A 379 -2.29 18.03 -24.15
CA PRO A 379 -1.73 17.50 -25.40
C PRO A 379 -2.83 17.34 -26.44
N GLN A 380 -2.56 17.72 -27.68
CA GLN A 380 -3.59 17.69 -28.72
C GLN A 380 -3.83 16.28 -29.28
N HIS A 381 -2.77 15.49 -29.33
CA HIS A 381 -2.89 14.11 -29.79
C HIS A 381 -2.09 13.24 -28.83
N LEU A 382 -2.60 12.04 -28.55
CA LEU A 382 -1.89 11.06 -27.74
C LEU A 382 -2.13 9.70 -28.34
N ILE A 383 -1.30 8.74 -27.97
CA ILE A 383 -1.64 7.35 -28.17
C ILE A 383 -2.14 6.89 -26.80
N ASP A 384 -3.35 6.36 -26.75
CA ASP A 384 -3.94 5.99 -25.48
C ASP A 384 -3.40 4.65 -24.99
N TRP A 385 -3.91 4.19 -23.85
CA TRP A 385 -3.35 3.02 -23.19
C TRP A 385 -3.66 1.70 -23.91
N LYS A 386 -4.48 1.78 -24.95
CA LYS A 386 -4.77 0.61 -25.77
CA LYS A 386 -4.77 0.61 -25.77
C LYS A 386 -4.05 0.70 -27.12
N GLY A 387 -3.25 1.74 -27.30
CA GLY A 387 -2.49 1.92 -28.53
C GLY A 387 -3.22 2.66 -29.62
N ASN A 388 -4.35 3.27 -29.29
CA ASN A 388 -5.18 3.96 -30.30
C ASN A 388 -5.03 5.48 -30.26
N ASP A 389 -5.32 6.12 -31.39
CA ASP A 389 -5.23 7.58 -31.44
C ASP A 389 -6.27 8.24 -30.56
N TRP A 390 -5.85 9.27 -29.82
CA TRP A 390 -6.70 10.04 -28.93
C TRP A 390 -6.52 11.51 -29.28
N TYR A 391 -7.63 12.24 -29.30
CA TYR A 391 -7.60 13.65 -29.69
C TYR A 391 -8.30 14.52 -28.65
N PHE A 392 -7.66 15.64 -28.32
CA PHE A 392 -8.11 16.60 -27.34
C PHE A 392 -9.52 17.11 -27.65
N ARG A 393 -10.37 17.18 -26.62
CA ARG A 393 -11.76 17.63 -26.76
C ARG A 393 -12.57 16.93 -27.86
N GLU A 394 -12.24 15.68 -28.12
CA GLU A 394 -12.90 14.93 -29.17
C GLU A 394 -13.12 13.50 -28.72
N THR A 395 -12.02 12.81 -28.41
CA THR A 395 -12.09 11.39 -28.06
C THR A 395 -12.82 11.21 -26.73
N GLU A 396 -13.77 10.29 -26.70
CA GLU A 396 -14.69 10.17 -25.57
C GLU A 396 -14.22 9.18 -24.52
N THR A 397 -13.08 8.56 -24.78
CA THR A 397 -12.49 7.59 -23.87
C THR A 397 -11.27 8.18 -23.18
N ASN A 398 -11.00 7.72 -21.95
N ASN A 398 -11.00 7.72 -21.95
CA ASN A 398 -9.83 8.16 -21.22
CA ASN A 398 -9.83 8.16 -21.22
C ASN A 398 -8.55 7.80 -21.97
C ASN A 398 -8.55 7.80 -21.97
N ALA A 399 -7.58 8.72 -21.97
CA ALA A 399 -6.32 8.48 -22.66
C ALA A 399 -5.50 7.48 -21.84
N ALA A 400 -5.45 7.69 -20.53
CA ALA A 400 -4.81 6.75 -19.62
C ALA A 400 -5.86 5.92 -18.91
N HIS A 401 -5.53 4.69 -18.55
CA HIS A 401 -6.48 3.87 -17.81
C HIS A 401 -6.75 4.59 -16.49
N PRO A 402 -8.01 4.59 -16.03
CA PRO A 402 -8.31 5.38 -14.83
C PRO A 402 -7.61 4.88 -13.55
N ASN A 403 -7.03 3.68 -13.60
CA ASN A 403 -6.28 3.15 -12.47
C ASN A 403 -4.83 2.85 -12.89
N SER A 404 -4.33 3.58 -13.88
CA SER A 404 -2.96 3.42 -14.35
C SER A 404 -1.94 3.85 -13.29
N ARG A 405 -0.68 3.44 -13.47
CA ARG A 405 0.30 3.47 -12.38
C ARG A 405 1.64 4.06 -12.78
N TYR A 406 2.34 4.61 -11.79
CA TYR A 406 3.77 4.86 -11.92
C TYR A 406 4.48 4.04 -10.86
N CYS A 407 5.67 3.54 -11.19
CA CYS A 407 6.47 2.76 -10.26
C CYS A 407 7.85 3.38 -10.21
N THR A 408 8.17 4.05 -9.10
CA THR A 408 9.33 4.94 -9.02
C THR A 408 10.09 4.76 -7.70
N PRO A 409 11.43 4.84 -7.74
CA PRO A 409 12.23 4.70 -6.51
C PRO A 409 11.88 5.74 -5.44
N MET A 410 11.78 5.30 -4.19
CA MET A 410 11.51 6.25 -3.11
C MET A 410 12.65 7.23 -2.96
N SER A 411 13.86 6.78 -3.24
CA SER A 411 15.06 7.60 -2.99
C SER A 411 15.09 8.90 -3.80
N GLN A 412 14.24 8.98 -4.82
CA GLN A 412 14.20 10.14 -5.71
C GLN A 412 13.28 11.24 -5.23
N CYS A 413 12.57 10.99 -4.14
CA CYS A 413 11.60 11.97 -3.65
C CYS A 413 12.36 13.13 -2.99
N PRO A 414 12.10 14.37 -3.44
CA PRO A 414 12.87 15.54 -2.98
C PRO A 414 12.61 15.86 -1.52
N ILE A 415 11.47 15.44 -0.99
CA ILE A 415 11.17 15.66 0.43
C ILE A 415 11.28 14.39 1.28
N LEU A 416 12.02 13.41 0.79
CA LEU A 416 12.28 12.20 1.57
C LEU A 416 13.00 12.51 2.89
N ALA A 417 12.44 12.03 4.00
CA ALA A 417 13.10 12.21 5.30
C ALA A 417 14.41 11.42 5.37
N PRO A 418 15.43 11.99 6.03
CA PRO A 418 16.72 11.32 6.15
C PRO A 418 16.61 9.99 6.89
N GLU A 419 15.56 9.84 7.67
CA GLU A 419 15.33 8.65 8.49
C GLU A 419 14.77 7.47 7.69
N TRP A 420 14.54 7.66 6.39
CA TRP A 420 13.79 6.71 5.58
C TRP A 420 14.38 5.30 5.50
N ASP A 421 15.70 5.19 5.66
CA ASP A 421 16.37 3.89 5.55
C ASP A 421 16.99 3.44 6.87
N ASP A 422 16.55 4.06 7.97
CA ASP A 422 16.95 3.66 9.32
C ASP A 422 16.18 2.42 9.75
N PRO A 423 16.90 1.35 10.10
CA PRO A 423 16.27 0.09 10.48
C PRO A 423 15.41 0.22 11.73
N GLN A 424 15.72 1.20 12.58
CA GLN A 424 15.00 1.36 13.84
C GLN A 424 13.66 2.05 13.61
N GLY A 425 13.55 2.75 12.49
CA GLY A 425 12.33 3.47 12.21
C GLY A 425 12.22 4.74 13.02
N VAL A 426 11.01 5.30 13.07
CA VAL A 426 10.75 6.60 13.67
C VAL A 426 9.64 6.50 14.71
N PRO A 427 9.81 7.21 15.84
CA PRO A 427 8.81 7.11 16.90
C PRO A 427 7.51 7.85 16.54
N ILE A 428 6.40 7.14 16.63
CA ILE A 428 5.12 7.68 16.20
C ILE A 428 4.41 8.44 17.32
N SER A 429 4.12 9.72 17.10
CA SER A 429 3.40 10.52 18.08
C SER A 429 1.88 10.42 17.96
N GLY A 430 1.39 10.21 16.74
CA GLY A 430 -0.04 10.17 16.52
C GLY A 430 -0.35 9.21 15.41
N ILE A 431 -1.44 8.49 15.58
CA ILE A 431 -2.02 7.65 14.52
C ILE A 431 -3.31 8.31 14.07
N LEU A 432 -3.46 8.51 12.77
CA LEU A 432 -4.67 9.11 12.23
C LEU A 432 -5.49 8.10 11.45
N PHE A 433 -6.80 8.19 11.59
CA PHE A 433 -7.73 7.43 10.75
C PHE A 433 -8.66 8.40 10.05
N GLY A 434 -8.99 8.12 8.80
CA GLY A 434 -9.93 8.97 8.10
C GLY A 434 -10.46 8.33 6.84
N GLY A 435 -11.61 8.80 6.40
CA GLY A 435 -12.22 8.31 5.17
C GLY A 435 -13.03 9.44 4.55
N ARG A 436 -13.80 9.15 3.50
CA ARG A 436 -14.62 10.17 2.87
C ARG A 436 -16.03 10.18 3.47
N ARG A 437 -16.36 11.23 4.21
CA ARG A 437 -17.70 11.37 4.80
C ARG A 437 -18.27 12.74 4.48
N LYS A 438 -19.36 12.76 3.73
CA LYS A 438 -20.05 13.99 3.32
C LYS A 438 -20.65 14.71 4.54
N THR A 439 -21.04 13.94 5.54
CA THR A 439 -21.68 14.48 6.73
C THR A 439 -21.08 13.86 7.97
N THR A 440 -21.57 14.31 9.12
CA THR A 440 -21.45 13.59 10.39
C THR A 440 -20.10 13.67 11.10
N VAL A 441 -19.05 13.29 10.41
CA VAL A 441 -17.72 13.20 11.01
C VAL A 441 -16.98 14.55 10.90
N PRO A 442 -16.52 15.09 12.04
CA PRO A 442 -15.85 16.40 12.03
C PRO A 442 -14.50 16.35 11.36
N LEU A 443 -14.01 17.53 10.99
CA LEU A 443 -12.70 17.70 10.37
C LEU A 443 -11.59 16.99 11.13
N VAL A 444 -11.58 17.12 12.45
CA VAL A 444 -10.63 16.38 13.27
C VAL A 444 -11.18 16.13 14.68
N THR A 445 -10.86 14.95 15.24
CA THR A 445 -11.30 14.59 16.57
C THR A 445 -10.16 13.82 17.23
N GLU A 446 -9.88 14.06 18.50
CA GLU A 446 -8.89 13.24 19.20
C GLU A 446 -9.61 12.20 20.05
N ALA A 447 -9.13 10.95 20.01
CA ALA A 447 -9.70 9.88 20.83
C ALA A 447 -9.54 10.17 22.32
N ARG A 448 -10.39 9.54 23.12
CA ARG A 448 -10.37 9.71 24.58
C ARG A 448 -9.21 8.96 25.22
N ASP A 449 -8.83 7.83 24.61
CA ASP A 449 -7.75 7.00 25.10
C ASP A 449 -7.48 5.95 24.04
N TRP A 450 -6.53 5.05 24.29
CA TRP A 450 -6.20 4.04 23.28
C TRP A 450 -7.38 3.17 22.87
N GLN A 451 -8.12 2.65 23.85
CA GLN A 451 -9.20 1.72 23.51
C GLN A 451 -10.26 2.41 22.67
N HIS A 452 -10.54 3.66 22.98
CA HIS A 452 -11.46 4.45 22.17
C HIS A 452 -10.89 4.65 20.76
N GLY A 453 -9.59 4.90 20.68
CA GLY A 453 -8.91 5.01 19.39
C GLY A 453 -9.06 3.75 18.56
N VAL A 454 -8.99 2.59 19.22
CA VAL A 454 -9.17 1.32 18.51
C VAL A 454 -10.58 1.25 17.93
N PHE A 455 -11.56 1.71 18.71
CA PHE A 455 -12.94 1.74 18.26
C PHE A 455 -13.10 2.65 17.05
N ILE A 456 -12.45 3.81 17.10
CA ILE A 456 -12.52 4.77 16.00
C ILE A 456 -11.94 4.14 14.73
N GLY A 457 -10.81 3.46 14.84
CA GLY A 457 -10.23 2.82 13.67
C GLY A 457 -11.10 1.69 13.17
N ALA A 458 -11.62 0.91 14.12
CA ALA A 458 -12.44 -0.28 13.82
C ALA A 458 -13.74 0.03 13.11
N THR A 459 -14.24 1.24 13.29
CA THR A 459 -15.52 1.64 12.72
C THR A 459 -15.38 2.72 11.65
N LEU A 460 -14.16 2.89 11.14
CA LEU A 460 -13.89 3.87 10.09
C LEU A 460 -14.83 3.65 8.91
N GLY A 461 -15.56 4.70 8.55
CA GLY A 461 -16.46 4.63 7.41
C GLY A 461 -16.00 5.50 6.26
N SER A 462 -16.31 5.06 5.05
CA SER A 462 -15.96 5.84 3.88
C SER A 462 -17.01 5.62 2.81
N GLU A 463 -17.40 6.70 2.14
CA GLU A 463 -18.44 6.60 1.13
C GLU A 463 -17.84 6.21 -0.21
N GLN A 464 -17.57 4.91 -0.36
CA GLN A 464 -16.90 4.38 -1.54
C GLN A 464 -17.57 3.11 -2.05
N ASN A 474 -24.28 5.18 0.60
CA ASN A 474 -23.79 4.03 1.36
C ASN A 474 -22.43 4.29 2.01
N VAL A 475 -22.35 4.05 3.32
CA VAL A 475 -21.09 4.14 4.05
C VAL A 475 -20.49 2.76 4.23
N ARG A 476 -19.34 2.53 3.62
CA ARG A 476 -18.64 1.26 3.73
C ARG A 476 -17.75 1.33 4.96
N ARG A 477 -17.82 0.31 5.82
CA ARG A 477 -16.86 0.27 6.92
C ARG A 477 -15.57 -0.37 6.43
N ASP A 478 -14.46 0.28 6.74
CA ASP A 478 -13.15 -0.15 6.25
C ASP A 478 -12.20 0.00 7.44
N PRO A 479 -12.19 -0.99 8.32
CA PRO A 479 -11.53 -0.83 9.64
C PRO A 479 -10.02 -0.65 9.48
N MET A 480 -9.50 0.43 10.04
CA MET A 480 -8.10 0.79 9.87
C MET A 480 -7.65 0.80 8.42
N ALA A 481 -8.59 1.00 7.49
CA ALA A 481 -8.30 0.92 6.05
C ALA A 481 -7.73 -0.43 5.61
N MET A 482 -8.09 -1.49 6.33
CA MET A 482 -7.55 -2.82 6.08
C MET A 482 -8.58 -3.81 5.54
N LEU A 483 -9.75 -3.33 5.19
CA LEU A 483 -10.83 -4.24 4.74
C LEU A 483 -10.39 -5.28 3.70
N PRO A 484 -9.62 -4.86 2.67
CA PRO A 484 -9.22 -5.85 1.66
C PRO A 484 -7.91 -6.57 1.97
N PHE A 485 -7.30 -6.28 3.11
CA PHE A 485 -5.93 -6.68 3.32
C PHE A 485 -5.61 -7.46 4.59
N LEU A 486 -6.61 -7.79 5.41
CA LEU A 486 -6.31 -8.50 6.67
C LEU A 486 -5.95 -9.94 6.40
N GLY A 487 -4.93 -10.44 7.11
CA GLY A 487 -4.46 -11.80 6.93
C GLY A 487 -5.13 -12.79 7.88
N TYR A 488 -6.02 -12.27 8.72
CA TYR A 488 -6.73 -13.11 9.68
C TYR A 488 -8.04 -12.45 10.12
N ASN A 489 -8.72 -13.08 11.07
CA ASN A 489 -10.06 -12.66 11.45
C ASN A 489 -10.11 -11.22 11.99
N VAL A 490 -10.99 -10.41 11.41
CA VAL A 490 -11.07 -8.97 11.74
C VAL A 490 -11.29 -8.70 13.24
N GLY A 491 -12.08 -9.54 13.88
CA GLY A 491 -12.29 -9.42 15.32
C GLY A 491 -11.03 -9.68 16.12
N ASP A 492 -10.27 -10.69 15.73
CA ASP A 492 -9.01 -11.00 16.40
C ASP A 492 -8.02 -9.86 16.16
N TYR A 493 -8.12 -9.22 15.01
CA TYR A 493 -7.26 -8.10 14.67
C TYR A 493 -7.55 -6.92 15.60
N PHE A 494 -8.83 -6.62 15.83
CA PHE A 494 -9.18 -5.60 16.82
C PHE A 494 -8.64 -5.97 18.19
N GLN A 495 -8.74 -7.24 18.58
CA GLN A 495 -8.25 -7.67 19.88
C GLN A 495 -6.74 -7.46 20.00
N HIS A 496 -6.04 -7.68 18.89
CA HIS A 496 -4.60 -7.51 18.86
C HIS A 496 -4.25 -6.06 19.15
N TRP A 497 -4.95 -5.15 18.49
CA TRP A 497 -4.79 -3.71 18.76
C TRP A 497 -5.06 -3.38 20.21
N ILE A 498 -6.13 -3.96 20.77
CA ILE A 498 -6.45 -3.74 22.17
C ILE A 498 -5.34 -4.26 23.07
N ASN A 499 -4.84 -5.45 22.77
CA ASN A 499 -3.76 -6.05 23.56
C ASN A 499 -2.49 -5.22 23.59
N LEU A 500 -2.09 -4.73 22.42
CA LEU A 500 -0.85 -3.96 22.34
C LEU A 500 -0.93 -2.67 23.19
N GLY A 501 -2.11 -2.05 23.27
CA GLY A 501 -2.25 -0.85 24.08
C GLY A 501 -2.33 -1.18 25.57
N LYS A 502 -3.02 -2.27 25.88
CA LYS A 502 -3.23 -2.71 27.25
C LYS A 502 -1.91 -2.99 27.96
N HIS A 503 -0.95 -3.53 27.21
CA HIS A 503 0.31 -3.97 27.79
C HIS A 503 1.40 -2.92 27.62
N ALA A 504 1.04 -1.78 27.05
CA ALA A 504 2.02 -0.72 26.81
C ALA A 504 2.04 0.30 27.94
N ASP A 505 3.08 1.11 27.98
CA ASP A 505 3.11 2.29 28.82
C ASP A 505 2.17 3.30 28.18
N GLU A 506 1.05 3.60 28.84
CA GLU A 506 0.04 4.48 28.27
C GLU A 506 0.59 5.83 27.84
N SER A 507 1.60 6.32 28.55
CA SER A 507 2.14 7.65 28.29
C SER A 507 3.00 7.69 27.03
N LYS A 508 3.32 6.52 26.49
CA LYS A 508 4.24 6.46 25.35
C LYS A 508 3.53 6.08 24.05
N LEU A 509 2.28 5.64 24.19
CA LEU A 509 1.49 5.26 23.03
C LEU A 509 1.19 6.47 22.17
N PRO A 510 1.13 6.28 20.84
CA PRO A 510 0.64 7.37 20.00
C PRO A 510 -0.75 7.77 20.46
N LYS A 511 -1.08 9.07 20.35
CA LYS A 511 -2.46 9.49 20.51
C LYS A 511 -3.18 9.20 19.20
N VAL A 512 -4.47 8.90 19.28
CA VAL A 512 -5.23 8.56 18.07
C VAL A 512 -6.17 9.68 17.66
N PHE A 513 -6.20 9.97 16.36
CA PHE A 513 -7.02 11.05 15.82
C PHE A 513 -7.82 10.53 14.65
N PHE A 514 -8.98 11.16 14.47
CA PHE A 514 -9.96 10.79 13.48
C PHE A 514 -10.13 12.04 12.62
N VAL A 515 -9.83 11.96 11.32
CA VAL A 515 -9.96 13.13 10.46
C VAL A 515 -11.01 12.94 9.35
N ASN A 516 -11.51 14.05 8.82
CA ASN A 516 -12.38 14.01 7.66
C ASN A 516 -12.14 15.24 6.79
N TRP A 517 -11.46 15.06 5.67
CA TRP A 517 -11.23 16.22 4.80
C TRP A 517 -12.44 16.54 3.95
N PHE A 518 -13.47 15.68 3.98
CA PHE A 518 -14.45 15.61 2.90
C PHE A 518 -15.88 16.03 3.24
N ARG A 519 -16.08 16.66 4.40
CA ARG A 519 -17.41 17.10 4.77
C ARG A 519 -17.91 18.20 3.83
N ARG A 520 -19.18 18.13 3.45
CA ARG A 520 -19.73 19.10 2.50
C ARG A 520 -20.93 19.84 3.06
N GLY A 521 -21.10 21.10 2.62
CA GLY A 521 -22.28 21.88 2.96
C GLY A 521 -23.45 21.54 2.07
N ASP A 522 -24.62 22.12 2.32
CA ASP A 522 -25.80 21.80 1.53
C ASP A 522 -25.67 22.18 0.06
N ASP A 523 -24.82 23.15 -0.25
CA ASP A 523 -24.62 23.54 -1.65
C ASP A 523 -23.64 22.63 -2.39
N GLY A 524 -23.13 21.61 -1.69
CA GLY A 524 -22.26 20.62 -2.31
C GLY A 524 -20.76 20.88 -2.22
N ARG A 525 -20.37 22.04 -1.70
CA ARG A 525 -18.95 22.38 -1.66
C ARG A 525 -18.27 21.82 -0.42
N PHE A 526 -16.97 21.61 -0.51
CA PHE A 526 -16.21 21.17 0.64
C PHE A 526 -16.14 22.30 1.67
N LEU A 527 -16.43 21.97 2.93
CA LEU A 527 -16.38 22.97 3.98
C LEU A 527 -14.94 23.35 4.30
N TRP A 528 -14.03 22.40 4.06
CA TRP A 528 -12.61 22.60 4.36
C TRP A 528 -11.79 22.46 3.08
N PRO A 529 -10.87 23.41 2.83
CA PRO A 529 -10.10 23.39 1.57
C PRO A 529 -9.15 22.21 1.44
N GLY A 530 -8.58 21.73 2.55
CA GLY A 530 -7.75 20.55 2.52
C GLY A 530 -6.41 20.73 1.84
N PHE A 531 -5.85 19.61 1.37
CA PHE A 531 -4.51 19.56 0.80
C PHE A 531 -3.50 20.22 1.73
N GLY A 532 -2.71 21.18 1.24
CA GLY A 532 -1.71 21.82 2.08
C GLY A 532 -2.26 22.44 3.36
N GLU A 533 -3.52 22.90 3.31
CA GLU A 533 -4.16 23.48 4.47
C GLU A 533 -4.41 22.46 5.58
N ASN A 534 -4.32 21.17 5.25
CA ASN A 534 -4.37 20.15 6.30
C ASN A 534 -3.23 20.31 7.31
N SER A 535 -2.20 21.07 6.94
CA SER A 535 -1.14 21.40 7.89
C SER A 535 -1.68 22.10 9.12
N ARG A 536 -2.79 22.83 8.97
CA ARG A 536 -3.42 23.55 10.09
C ARG A 536 -4.07 22.56 11.06
N VAL A 537 -4.61 21.49 10.51
CA VAL A 537 -5.15 20.42 11.34
C VAL A 537 -4.02 19.67 12.05
N LEU A 538 -2.95 19.38 11.33
CA LEU A 538 -1.79 18.73 11.94
C LEU A 538 -1.15 19.59 13.03
N LYS A 539 -1.21 20.91 12.88
CA LYS A 539 -0.70 21.82 13.92
C LYS A 539 -1.49 21.65 15.21
N TRP A 540 -2.81 21.55 15.10
CA TRP A 540 -3.62 21.31 16.29
C TRP A 540 -3.26 19.96 16.90
N ILE A 541 -3.08 18.96 16.06
CA ILE A 541 -2.69 17.64 16.55
C ILE A 541 -1.36 17.70 17.31
N VAL A 542 -0.35 18.36 16.74
CA VAL A 542 0.92 18.55 17.44
C VAL A 542 0.72 19.29 18.76
N ASP A 543 -0.06 20.36 18.74
CA ASP A 543 -0.30 21.11 19.96
C ASP A 543 -1.00 20.23 21.01
N ARG A 544 -1.92 19.36 20.60
CA ARG A 544 -2.58 18.48 21.57
C ARG A 544 -1.58 17.51 22.19
N ILE A 545 -0.71 16.96 21.36
CA ILE A 545 0.36 16.08 21.83
C ILE A 545 1.25 16.78 22.84
N GLU A 546 1.48 18.08 22.64
CA GLU A 546 2.33 18.86 23.54
C GLU A 546 1.56 19.56 24.67
N HIS A 547 0.26 19.30 24.76
CA HIS A 547 -0.62 19.89 25.77
C HIS A 547 -0.72 21.41 25.64
N LYS A 548 -0.54 21.91 24.43
CA LYS A 548 -0.55 23.36 24.16
C LYS A 548 -1.86 23.81 23.50
N ALA A 549 -2.82 22.91 23.36
CA ALA A 549 -4.09 23.26 22.70
C ALA A 549 -5.30 22.72 23.43
N GLY A 550 -6.40 23.46 23.34
CA GLY A 550 -7.67 23.02 23.92
C GLY A 550 -8.59 22.45 22.86
N GLY A 551 -9.85 22.27 23.23
CA GLY A 551 -10.83 21.69 22.35
C GLY A 551 -12.08 21.37 23.14
N ALA A 552 -13.16 21.07 22.43
CA ALA A 552 -14.41 20.75 23.11
C ALA A 552 -14.45 19.27 23.45
N THR A 553 -15.00 18.93 24.62
CA THR A 553 -15.28 17.55 24.95
C THR A 553 -16.68 17.20 24.41
N THR A 554 -16.71 16.34 23.40
CA THR A 554 -17.97 15.96 22.73
C THR A 554 -18.20 14.47 22.94
N PRO A 555 -19.41 13.97 22.61
CA PRO A 555 -19.63 12.53 22.80
C PRO A 555 -18.70 11.63 21.98
N ILE A 556 -18.09 12.15 20.92
CA ILE A 556 -17.26 11.30 20.05
C ILE A 556 -15.76 11.51 20.28
N GLY A 557 -15.42 12.45 21.16
CA GLY A 557 -14.02 12.73 21.48
C GLY A 557 -13.77 14.21 21.62
N THR A 558 -12.50 14.61 21.58
CA THR A 558 -12.14 16.02 21.70
C THR A 558 -12.06 16.65 20.32
N VAL A 559 -12.86 17.69 20.10
CA VAL A 559 -12.94 18.33 18.79
C VAL A 559 -12.65 19.82 18.96
N PRO A 560 -11.70 20.37 18.18
CA PRO A 560 -11.41 21.80 18.34
C PRO A 560 -12.58 22.69 17.90
N ALA A 561 -12.68 23.86 18.50
CA ALA A 561 -13.55 24.90 18.00
C ALA A 561 -12.75 25.65 16.95
N VAL A 562 -13.42 26.49 16.16
CA VAL A 562 -12.71 27.28 15.16
CA VAL A 562 -12.74 27.31 15.16
C VAL A 562 -11.57 28.08 15.79
N GLU A 563 -11.80 28.62 16.99
CA GLU A 563 -10.79 29.45 17.65
C GLU A 563 -9.56 28.65 18.09
N ASP A 564 -9.67 27.34 18.11
CA ASP A 564 -8.56 26.46 18.47
C ASP A 564 -7.63 26.17 17.29
N LEU A 565 -8.06 26.53 16.09
CA LEU A 565 -7.28 26.27 14.87
C LEU A 565 -6.58 27.53 14.40
N ASP A 566 -5.41 27.37 13.79
CA ASP A 566 -4.70 28.48 13.18
C ASP A 566 -5.26 28.68 11.78
N LEU A 567 -6.11 29.70 11.62
CA LEU A 567 -6.68 30.00 10.31
C LEU A 567 -6.09 31.28 9.74
N ASP A 568 -4.97 31.72 10.34
CA ASP A 568 -4.34 32.95 9.88
C ASP A 568 -3.84 32.80 8.45
N GLY A 569 -4.22 33.75 7.59
CA GLY A 569 -3.81 33.72 6.20
C GLY A 569 -4.65 32.80 5.36
N LEU A 570 -5.66 32.18 5.96
CA LEU A 570 -6.53 31.28 5.21
C LEU A 570 -7.82 31.96 4.77
N ASP A 571 -8.00 32.09 3.46
CA ASP A 571 -9.19 32.73 2.90
C ASP A 571 -10.38 31.79 2.93
N VAL A 572 -10.99 31.65 4.10
CA VAL A 572 -12.11 30.75 4.30
C VAL A 572 -13.11 31.37 5.26
N ASP A 573 -14.39 31.14 5.02
CA ASP A 573 -15.45 31.60 5.92
C ASP A 573 -15.39 30.81 7.22
N ALA A 574 -15.28 31.49 8.35
CA ALA A 574 -15.17 30.81 9.64
C ALA A 574 -16.39 29.93 9.93
N ALA A 575 -17.55 30.34 9.44
CA ALA A 575 -18.76 29.54 9.62
C ALA A 575 -18.65 28.18 8.94
N ASP A 576 -17.92 28.12 7.83
CA ASP A 576 -17.71 26.86 7.13
C ASP A 576 -16.80 25.95 7.94
N VAL A 577 -15.77 26.53 8.55
CA VAL A 577 -14.87 25.75 9.39
C VAL A 577 -15.64 25.26 10.62
N ALA A 578 -16.51 26.12 11.15
CA ALA A 578 -17.35 25.73 12.27
C ALA A 578 -18.24 24.56 11.91
N ALA A 579 -18.81 24.63 10.72
CA ALA A 579 -19.67 23.55 10.24
C ALA A 579 -18.86 22.28 10.03
N ALA A 580 -17.62 22.42 9.55
CA ALA A 580 -16.77 21.26 9.35
C ALA A 580 -16.48 20.55 10.69
N LEU A 581 -16.46 21.33 11.76
CA LEU A 581 -16.12 20.81 13.09
C LEU A 581 -17.32 20.44 13.94
N ALA A 582 -18.53 20.63 13.42
CA ALA A 582 -19.73 20.43 14.25
C ALA A 582 -19.96 18.95 14.61
N VAL A 583 -20.41 18.71 15.84
CA VAL A 583 -20.81 17.38 16.24
C VAL A 583 -22.29 17.43 16.53
N ASP A 584 -23.08 16.91 15.60
CA ASP A 584 -24.52 17.00 15.68
C ASP A 584 -25.04 15.69 16.25
N ALA A 585 -25.69 15.77 17.41
CA ALA A 585 -26.14 14.57 18.10
C ALA A 585 -27.11 13.75 17.25
N ASP A 586 -27.99 14.42 16.53
CA ASP A 586 -28.96 13.72 15.68
C ASP A 586 -28.26 12.92 14.56
N GLU A 587 -27.26 13.53 13.93
CA GLU A 587 -26.48 12.82 12.92
C GLU A 587 -25.80 11.60 13.51
N TRP A 588 -25.27 11.75 14.72
CA TRP A 588 -24.57 10.63 15.36
C TRP A 588 -25.52 9.54 15.83
N ARG A 589 -26.75 9.91 16.17
CA ARG A 589 -27.75 8.89 16.48
C ARG A 589 -28.14 8.07 15.25
N GLN A 590 -28.04 8.67 14.07
CA GLN A 590 -28.29 7.93 12.84
C GLN A 590 -27.11 7.05 12.48
N GLU A 591 -25.93 7.45 12.97
CA GLU A 591 -24.73 6.67 12.74
C GLU A 591 -24.71 5.38 13.55
N LEU A 592 -25.30 5.40 14.74
CA LEU A 592 -25.25 4.25 15.65
C LEU A 592 -25.73 2.92 15.05
N PRO A 593 -26.92 2.92 14.39
CA PRO A 593 -27.31 1.60 13.88
C PRO A 593 -26.42 1.11 12.74
N LEU A 594 -25.76 2.02 12.03
CA LEU A 594 -24.84 1.59 10.98
C LEU A 594 -23.62 0.94 11.62
N ILE A 595 -23.15 1.52 12.72
CA ILE A 595 -22.01 0.95 13.41
C ILE A 595 -22.43 -0.38 14.02
N GLU A 596 -23.63 -0.44 14.57
CA GLU A 596 -24.12 -1.68 15.16
C GLU A 596 -24.22 -2.84 14.16
N GLU A 597 -24.71 -2.53 12.97
CA GLU A 597 -24.80 -3.53 11.89
C GLU A 597 -23.42 -4.05 11.55
N TRP A 598 -22.43 -3.16 11.55
CA TRP A 598 -21.07 -3.55 11.23
C TRP A 598 -20.47 -4.41 12.33
N LEU A 599 -20.71 -4.04 13.60
CA LEU A 599 -20.13 -4.83 14.69
C LEU A 599 -20.76 -6.22 14.72
N GLN A 600 -22.01 -6.32 14.30
CA GLN A 600 -22.67 -7.62 14.17
C GLN A 600 -22.00 -8.43 13.07
N PHE A 601 -21.68 -7.76 11.97
CA PHE A 601 -21.00 -8.42 10.85
C PHE A 601 -19.63 -8.97 11.23
N VAL A 602 -18.92 -8.26 12.10
CA VAL A 602 -17.62 -8.72 12.58
C VAL A 602 -17.71 -10.11 13.22
N GLY A 603 -18.85 -10.40 13.83
CA GLY A 603 -19.15 -11.78 14.22
C GLY A 603 -18.69 -12.16 15.61
N GLU A 604 -18.56 -13.47 15.83
CA GLU A 604 -18.31 -13.98 17.17
C GLU A 604 -17.01 -13.48 17.78
N LYS A 605 -16.06 -13.10 16.94
CA LYS A 605 -14.76 -12.65 17.44
C LYS A 605 -14.67 -11.16 17.77
N LEU A 606 -15.79 -10.44 17.65
CA LEU A 606 -15.81 -9.03 18.06
C LEU A 606 -15.38 -8.88 19.50
N PRO A 607 -14.31 -8.10 19.76
CA PRO A 607 -13.88 -8.00 21.15
C PRO A 607 -14.87 -7.25 22.04
N THR A 608 -14.95 -7.68 23.28
CA THR A 608 -15.77 -6.98 24.26
C THR A 608 -15.35 -5.51 24.39
N GLY A 609 -14.04 -5.25 24.27
CA GLY A 609 -13.54 -3.89 24.35
C GLY A 609 -14.08 -2.97 23.26
N VAL A 610 -14.32 -3.53 22.08
CA VAL A 610 -14.93 -2.73 21.01
C VAL A 610 -16.42 -2.51 21.28
N LYS A 611 -17.10 -3.55 21.73
CA LYS A 611 -18.50 -3.40 22.08
C LYS A 611 -18.65 -2.40 23.24
N ASP A 612 -17.72 -2.41 24.19
CA ASP A 612 -17.71 -1.43 25.29
C ASP A 612 -17.73 0.00 24.80
N GLU A 613 -16.87 0.28 23.82
CA GLU A 613 -16.78 1.64 23.30
C GLU A 613 -18.05 2.04 22.56
N PHE A 614 -18.67 1.10 21.86
CA PHE A 614 -19.93 1.38 21.22
C PHE A 614 -20.97 1.77 22.27
N ASP A 615 -21.07 0.94 23.31
CA ASP A 615 -22.02 1.21 24.39
C ASP A 615 -21.78 2.58 25.03
N ALA A 616 -20.51 2.91 25.25
CA ALA A 616 -20.14 4.16 25.90
C ALA A 616 -20.46 5.36 25.01
N LEU A 617 -20.24 5.21 23.71
CA LEU A 617 -20.63 6.25 22.75
C LEU A 617 -22.14 6.47 22.77
N LYS A 618 -22.91 5.38 22.72
CA LYS A 618 -24.36 5.49 22.75
C LYS A 618 -24.84 6.20 24.02
N GLU A 619 -24.18 5.90 25.14
CA GLU A 619 -24.53 6.54 26.42
C GLU A 619 -24.23 8.04 26.42
N ARG A 620 -23.06 8.41 25.90
CA ARG A 620 -22.66 9.83 25.87
C ARG A 620 -23.58 10.64 24.96
N LEU A 621 -24.04 10.03 23.87
CA LEU A 621 -24.92 10.71 22.93
C LEU A 621 -26.30 10.97 23.50
N GLY A 622 -26.79 10.04 24.30
CA GLY A 622 -28.11 10.18 24.91
C GLY A 622 -29.21 10.17 23.87
PG GNP B . -4.36 5.44 -3.07
O1G GNP B . -3.10 5.55 -3.86
O2G GNP B . -4.01 5.15 -1.64
O3G GNP B . -5.20 4.28 -3.63
N3B GNP B . -5.20 6.85 -3.15
PB GNP B . -4.65 7.81 -1.89
O1B GNP B . -3.10 7.84 -1.89
O2B GNP B . -5.09 7.23 -0.55
O3A GNP B . -5.30 9.23 -2.01
PA GNP B . -4.77 10.42 -2.92
O1A GNP B . -4.14 9.82 -4.17
O2A GNP B . -3.82 11.34 -2.22
O5' GNP B . -6.05 11.30 -3.29
C5' GNP B . -7.05 10.73 -4.09
C4' GNP B . -8.03 11.82 -4.33
O4' GNP B . -8.25 12.50 -3.09
C3' GNP B . -7.41 12.84 -5.30
O3' GNP B . -8.32 13.17 -6.32
C2' GNP B . -7.18 14.03 -4.50
O2' GNP B . -7.46 15.21 -5.25
C1' GNP B . -8.12 13.92 -3.35
N9 GNP B . -7.65 14.49 -2.09
C8 GNP B . -6.50 14.26 -1.44
N7 GNP B . -6.43 15.04 -0.36
C5 GNP B . -7.57 15.82 -0.32
C6 GNP B . -8.05 16.87 0.62
O6 GNP B . -7.40 17.16 1.55
N1 GNP B . -9.29 17.49 0.37
C2 GNP B . -10.06 17.14 -0.77
N2 GNP B . -11.32 17.78 -1.00
N3 GNP B . -9.60 16.13 -1.69
C4 GNP B . -8.35 15.48 -1.43
C1 GOL C . -10.21 -9.32 -0.66
O1 GOL C . -8.86 -8.90 -0.83
C2 GOL C . -10.31 -10.19 0.60
O2 GOL C . -10.03 -9.42 1.77
C3 GOL C . -9.36 -11.36 0.46
O3 GOL C . -9.60 -12.33 1.46
MN MN D . -1.74 6.79 -3.17
#